data_2OPT
#
_entry.id   2OPT
#
_cell.length_a   55.648
_cell.length_b   79.957
_cell.length_c   104.027
_cell.angle_alpha   90.00
_cell.angle_beta   90.00
_cell.angle_gamma   90.00
#
_symmetry.space_group_name_H-M   'P 21 21 21'
#
loop_
_entity.id
_entity.type
_entity.pdbx_description
1 polymer 'ActII protein'
2 water water
#
_entity_poly.entity_id   1
_entity_poly.type   'polypeptide(L)'
_entity_poly.pdbx_seq_one_letter_code
;GAMAPLTQDRIVVTALGILDAEGLDALSMRRLAQELKTGHASLYAHVGNRDELLDLVFDIVLTEVEVPEPEPGRWAEQVK
EMCRSLRRMFLAHRDLARIAIDRVPLGPNGMVGMERTMNLLRSGGLHDELAAYGGDLLSTFVTAEALEQSSRNPGTEQGR
EQAGVFADQLHGYLKSLPATSFPNLVHLAGPITSLDSDRRFELGLEIIIAGLLAGAGEAADDQVRTAGSPPAES
;
_entity_poly.pdbx_strand_id   A,B
#
# COMPACT_ATOMS: atom_id res chain seq x y z
N ALA A 2 -29.94 19.63 -28.79
CA ALA A 2 -29.19 18.85 -27.78
C ALA A 2 -27.72 19.26 -27.83
N MET A 3 -26.96 18.61 -28.73
CA MET A 3 -25.53 18.29 -28.51
C MET A 3 -24.52 19.46 -28.50
N ALA A 4 -23.95 19.69 -27.32
CA ALA A 4 -22.96 20.71 -27.11
C ALA A 4 -21.60 20.18 -27.59
N PRO A 5 -20.75 21.10 -28.09
CA PRO A 5 -19.39 20.64 -28.29
C PRO A 5 -18.88 19.96 -27.02
N LEU A 6 -18.14 18.88 -27.20
CA LEU A 6 -17.47 18.24 -26.11
C LEU A 6 -16.56 19.22 -25.43
N THR A 7 -16.50 19.12 -24.10
CA THR A 7 -15.45 19.77 -23.30
C THR A 7 -14.73 18.65 -22.54
N GLN A 8 -13.53 18.92 -22.08
CA GLN A 8 -12.79 17.98 -21.26
C GLN A 8 -13.65 17.60 -20.03
N ASP A 9 -14.24 18.58 -19.37
CA ASP A 9 -15.00 18.28 -18.15
C ASP A 9 -16.16 17.32 -18.40
N ARG A 10 -16.88 17.49 -19.52
CA ARG A 10 -18.12 16.70 -19.72
C ARG A 10 -17.65 15.27 -19.97
N ILE A 11 -16.57 15.17 -20.69
CA ILE A 11 -16.00 13.88 -20.97
C ILE A 11 -15.60 13.12 -19.69
N VAL A 12 -14.86 13.79 -18.82
CA VAL A 12 -14.37 13.18 -17.58
C VAL A 12 -15.48 12.82 -16.63
N VAL A 13 -16.50 13.68 -16.54
CA VAL A 13 -17.57 13.42 -15.68
C VAL A 13 -18.30 12.13 -16.15
N THR A 14 -18.53 12.02 -17.46
CA THR A 14 -19.17 10.85 -18.06
C THR A 14 -18.35 9.61 -17.77
N ALA A 15 -17.03 9.70 -17.95
CA ALA A 15 -16.15 8.59 -17.63
C ALA A 15 -16.21 8.13 -16.16
N LEU A 16 -16.21 9.08 -15.25
CA LEU A 16 -16.33 8.76 -13.85
C LEU A 16 -17.68 8.07 -13.57
N GLY A 17 -18.71 8.45 -14.30
CA GLY A 17 -20.04 7.87 -14.10
C GLY A 17 -19.99 6.39 -14.50
N ILE A 18 -19.30 6.09 -15.58
CA ILE A 18 -19.19 4.70 -16.06
C ILE A 18 -18.45 3.89 -15.00
N LEU A 19 -17.28 4.37 -14.61
CA LEU A 19 -16.46 3.81 -13.53
C LEU A 19 -17.28 3.54 -12.27
N ASP A 20 -18.02 4.54 -11.81
CA ASP A 20 -18.78 4.42 -10.56
C ASP A 20 -19.79 3.27 -10.65
N ALA A 21 -20.41 3.12 -11.83
CA ALA A 21 -21.54 2.18 -11.97
C ALA A 21 -21.06 0.82 -12.43
N GLU A 22 -19.92 0.77 -13.13
CA GLU A 22 -19.57 -0.45 -13.83
C GLU A 22 -18.10 -0.89 -13.66
N GLY A 23 -17.29 -0.05 -13.05
CA GLY A 23 -15.96 -0.48 -12.71
C GLY A 23 -15.00 -0.16 -13.83
N LEU A 24 -13.73 -0.24 -13.51
CA LEU A 24 -12.66 0.15 -14.39
C LEU A 24 -12.60 -0.63 -15.71
N ASP A 25 -13.02 -1.88 -15.73
CA ASP A 25 -12.80 -2.65 -16.97
C ASP A 25 -13.81 -2.24 -18.05
N ALA A 26 -15.00 -1.82 -17.61
CA ALA A 26 -16.07 -1.31 -18.44
C ALA A 26 -15.73 0.02 -19.08
N LEU A 27 -14.71 0.72 -18.55
CA LEU A 27 -14.36 2.03 -19.05
C LEU A 27 -13.29 1.93 -20.13
N SER A 28 -13.73 1.78 -21.39
CA SER A 28 -12.87 1.76 -22.56
C SER A 28 -13.13 3.05 -23.29
N MET A 29 -12.21 3.46 -24.15
CA MET A 29 -12.45 4.71 -24.97
C MET A 29 -13.68 4.56 -25.88
N ARG A 30 -13.87 3.35 -26.38
CA ARG A 30 -15.01 3.08 -27.22
CA ARG A 30 -15.02 3.03 -27.21
C ARG A 30 -16.34 3.23 -26.46
N ARG A 31 -16.40 2.70 -25.24
CA ARG A 31 -17.60 2.82 -24.42
C ARG A 31 -17.85 4.28 -24.13
N LEU A 32 -16.77 5.01 -23.85
CA LEU A 32 -16.84 6.40 -23.50
C LEU A 32 -17.36 7.22 -24.67
N ALA A 33 -16.84 6.93 -25.87
CA ALA A 33 -17.33 7.63 -27.06
C ALA A 33 -18.80 7.33 -27.34
N GLN A 34 -19.19 6.08 -27.15
CA GLN A 34 -20.58 5.65 -27.27
C GLN A 34 -21.48 6.42 -26.32
N GLU A 35 -21.05 6.51 -25.06
CA GLU A 35 -21.83 7.15 -24.03
C GLU A 35 -22.02 8.67 -24.31
N LEU A 36 -21.00 9.29 -24.88
CA LEU A 36 -21.01 10.71 -25.24
C LEU A 36 -21.66 10.96 -26.59
N LYS A 37 -21.78 9.92 -27.41
CA LYS A 37 -22.31 10.02 -28.76
C LYS A 37 -21.47 10.90 -29.61
N THR A 38 -20.17 10.72 -29.54
CA THR A 38 -19.28 11.53 -30.30
C THR A 38 -18.38 10.62 -31.11
N GLY A 39 -17.59 11.24 -31.97
CA GLY A 39 -16.59 10.53 -32.77
C GLY A 39 -15.32 10.36 -31.99
N HIS A 40 -14.51 9.44 -32.48
CA HIS A 40 -13.30 9.13 -31.74
CA HIS A 40 -13.29 9.09 -31.78
CA HIS A 40 -13.26 9.08 -31.83
C HIS A 40 -12.21 10.19 -31.91
N ALA A 41 -12.29 11.00 -32.97
CA ALA A 41 -11.29 12.07 -33.16
C ALA A 41 -11.46 13.13 -32.09
N SER A 42 -12.68 13.63 -31.91
CA SER A 42 -12.96 14.68 -30.95
C SER A 42 -12.77 14.23 -29.49
N LEU A 43 -12.96 12.93 -29.21
CA LEU A 43 -12.63 12.37 -27.89
C LEU A 43 -11.12 12.38 -27.70
N TYR A 44 -10.40 11.89 -28.68
CA TYR A 44 -8.97 11.85 -28.53
C TYR A 44 -8.29 13.26 -28.52
N ALA A 45 -8.76 14.19 -29.35
CA ALA A 45 -8.28 15.61 -29.27
C ALA A 45 -8.33 16.15 -27.83
N HIS A 46 -9.35 15.75 -27.07
CA HIS A 46 -9.64 16.30 -25.74
C HIS A 46 -8.99 15.57 -24.59
N VAL A 47 -8.89 14.24 -24.66
CA VAL A 47 -8.40 13.55 -23.47
C VAL A 47 -7.33 12.55 -23.71
N GLY A 48 -6.92 12.34 -24.96
CA GLY A 48 -5.79 11.43 -25.25
C GLY A 48 -6.23 9.97 -25.17
N ASN A 49 -5.28 9.07 -24.87
CA ASN A 49 -5.54 7.63 -24.75
C ASN A 49 -6.15 7.25 -23.42
N ARG A 50 -6.36 5.96 -23.19
CA ARG A 50 -7.08 5.53 -21.98
C ARG A 50 -6.28 5.89 -20.74
N ASP A 51 -4.97 5.75 -20.82
CA ASP A 51 -4.15 6.11 -19.67
C ASP A 51 -4.23 7.57 -19.29
N GLU A 52 -4.30 8.45 -20.26
CA GLU A 52 -4.37 9.88 -19.98
C GLU A 52 -5.73 10.21 -19.43
N LEU A 53 -6.73 9.52 -19.93
CA LEU A 53 -8.12 9.71 -19.46
C LEU A 53 -8.19 9.39 -17.96
N LEU A 54 -7.66 8.24 -17.58
CA LEU A 54 -7.64 7.83 -16.20
C LEU A 54 -6.90 8.84 -15.30
N ASP A 55 -5.81 9.45 -15.79
CA ASP A 55 -5.10 10.50 -15.03
C ASP A 55 -6.11 11.60 -14.74
N LEU A 56 -6.99 11.87 -15.70
CA LEU A 56 -7.94 12.97 -15.54
C LEU A 56 -9.08 12.66 -14.56
N VAL A 57 -9.53 11.40 -14.62
CA VAL A 57 -10.59 10.89 -13.74
C VAL A 57 -10.00 10.93 -12.32
N PHE A 58 -8.75 10.53 -12.17
CA PHE A 58 -8.14 10.60 -10.87
C PHE A 58 -8.12 12.03 -10.32
N ASP A 59 -7.73 13.01 -11.13
CA ASP A 59 -7.67 14.37 -10.59
C ASP A 59 -9.04 14.93 -10.29
N ILE A 60 -10.05 14.57 -11.06
CA ILE A 60 -11.34 15.23 -10.86
C ILE A 60 -12.02 14.92 -9.51
N VAL A 61 -11.88 13.69 -9.02
CA VAL A 61 -12.51 13.27 -7.77
C VAL A 61 -11.76 13.87 -6.54
N LEU A 62 -10.50 14.27 -6.71
CA LEU A 62 -9.69 14.86 -5.63
C LEU A 62 -10.22 16.19 -5.16
N THR A 63 -11.10 16.79 -5.96
CA THR A 63 -11.86 17.93 -5.50
C THR A 63 -12.58 17.57 -4.24
N GLU A 64 -12.93 16.28 -4.04
CA GLU A 64 -13.72 15.81 -2.87
C GLU A 64 -12.96 15.77 -1.56
N VAL A 65 -11.65 15.85 -1.63
CA VAL A 65 -10.81 15.72 -0.45
C VAL A 65 -10.60 17.10 0.16
N GLU A 66 -11.05 17.29 1.39
CA GLU A 66 -10.93 18.60 1.95
CA GLU A 66 -10.95 18.61 2.03
C GLU A 66 -9.78 18.58 2.98
N VAL A 67 -8.76 19.39 2.71
CA VAL A 67 -7.62 19.56 3.56
C VAL A 67 -7.86 20.89 4.27
N PRO A 68 -7.97 20.86 5.62
CA PRO A 68 -8.31 22.10 6.29
C PRO A 68 -7.18 23.10 6.36
N GLU A 69 -7.55 24.36 6.50
CA GLU A 69 -6.57 25.41 6.80
C GLU A 69 -6.05 25.14 8.22
N PRO A 70 -4.74 25.25 8.46
CA PRO A 70 -4.26 24.89 9.81
C PRO A 70 -4.91 25.68 10.98
N GLU A 71 -5.34 24.96 12.01
CA GLU A 71 -5.84 25.52 13.26
C GLU A 71 -4.91 25.17 14.42
N PRO A 72 -4.20 26.19 14.97
CA PRO A 72 -3.28 25.99 16.11
C PRO A 72 -3.92 25.19 17.24
N GLY A 73 -3.19 24.18 17.71
CA GLY A 73 -3.71 23.33 18.76
C GLY A 73 -4.62 22.21 18.36
N ARG A 74 -4.99 22.11 17.07
CA ARG A 74 -5.78 20.96 16.60
C ARG A 74 -5.05 20.12 15.57
N TRP A 75 -3.74 20.14 15.56
CA TRP A 75 -3.00 19.53 14.43
C TRP A 75 -3.39 18.07 14.20
N ALA A 76 -3.32 17.25 15.24
CA ALA A 76 -3.46 15.81 15.09
C ALA A 76 -4.84 15.42 14.54
N GLU A 77 -5.89 16.04 15.07
CA GLU A 77 -7.22 15.77 14.61
CA GLU A 77 -7.23 15.74 14.59
C GLU A 77 -7.46 16.30 13.18
N GLN A 78 -6.77 17.38 12.78
CA GLN A 78 -6.91 17.88 11.41
C GLN A 78 -6.28 16.93 10.38
N VAL A 79 -5.15 16.33 10.75
CA VAL A 79 -4.52 15.31 9.91
C VAL A 79 -5.48 14.11 9.80
N LYS A 80 -5.93 13.59 10.92
CA LYS A 80 -7.01 12.59 10.86
C LYS A 80 -8.12 12.97 9.91
N GLU A 81 -8.64 14.19 10.07
CA GLU A 81 -9.78 14.71 9.28
CA GLU A 81 -9.79 14.67 9.31
C GLU A 81 -9.51 14.63 7.79
N MET A 82 -8.32 15.10 7.40
CA MET A 82 -7.90 15.09 6.01
C MET A 82 -7.75 13.67 5.47
N CYS A 83 -7.29 12.77 6.33
CA CYS A 83 -7.13 11.37 5.94
C CYS A 83 -8.48 10.68 5.78
N ARG A 84 -9.41 11.00 6.67
CA ARG A 84 -10.76 10.46 6.60
C ARG A 84 -11.47 10.93 5.34
N SER A 85 -11.18 12.16 4.93
CA SER A 85 -11.73 12.72 3.68
C SER A 85 -11.26 12.00 2.42
N LEU A 86 -9.99 11.67 2.37
CA LEU A 86 -9.47 10.87 1.32
C LEU A 86 -10.09 9.49 1.28
N ARG A 87 -10.27 8.89 2.44
CA ARG A 87 -10.86 7.57 2.54
C ARG A 87 -12.28 7.60 2.02
N ARG A 88 -13.01 8.65 2.38
CA ARG A 88 -14.40 8.77 2.00
CA ARG A 88 -14.41 8.86 1.99
C ARG A 88 -14.51 8.83 0.47
N MET A 89 -13.58 9.52 -0.17
CA MET A 89 -13.56 9.70 -1.63
CA MET A 89 -13.58 9.71 -1.61
C MET A 89 -13.42 8.36 -2.32
N PHE A 90 -12.40 7.58 -1.92
CA PHE A 90 -12.21 6.19 -2.40
C PHE A 90 -13.45 5.31 -2.21
N LEU A 91 -14.07 5.41 -1.05
CA LEU A 91 -15.27 4.61 -0.74
C LEU A 91 -16.46 5.00 -1.61
N ALA A 92 -16.44 6.23 -2.10
CA ALA A 92 -17.49 6.74 -2.97
C ALA A 92 -17.31 6.25 -4.42
N HIS A 93 -16.09 5.89 -4.79
CA HIS A 93 -15.72 5.68 -6.19
C HIS A 93 -15.09 4.34 -6.46
N ARG A 94 -15.92 3.46 -7.03
CA ARG A 94 -15.56 2.12 -7.41
C ARG A 94 -14.26 2.11 -8.18
N ASP A 95 -13.27 1.35 -7.71
CA ASP A 95 -12.12 1.00 -8.53
C ASP A 95 -11.10 2.12 -8.56
N LEU A 96 -11.31 3.15 -7.74
CA LEU A 96 -10.57 4.39 -7.86
C LEU A 96 -9.18 4.26 -7.25
N ALA A 97 -9.07 3.52 -6.16
CA ALA A 97 -7.77 3.22 -5.56
C ALA A 97 -6.90 2.43 -6.51
N ARG A 98 -7.53 1.68 -7.41
CA ARG A 98 -6.81 0.90 -8.43
C ARG A 98 -6.14 1.87 -9.38
N ILE A 99 -6.83 2.95 -9.72
CA ILE A 99 -6.25 3.93 -10.62
C ILE A 99 -5.19 4.73 -9.90
N ALA A 100 -5.51 5.10 -8.64
CA ALA A 100 -4.65 5.96 -7.83
C ALA A 100 -3.31 5.36 -7.47
N ILE A 101 -3.27 4.04 -7.30
CA ILE A 101 -2.13 3.40 -6.63
C ILE A 101 -0.75 3.62 -7.29
N ASP A 102 -0.74 3.73 -8.62
CA ASP A 102 0.44 3.90 -9.43
CA ASP A 102 0.53 3.96 -9.31
C ASP A 102 0.58 5.36 -9.96
N ARG A 103 -0.25 6.27 -9.48
CA ARG A 103 -0.29 7.64 -10.01
C ARG A 103 0.13 8.69 -8.97
N VAL A 104 0.71 9.80 -9.45
CA VAL A 104 1.09 10.92 -8.58
C VAL A 104 0.01 12.00 -8.76
N PRO A 105 -0.66 12.40 -7.67
CA PRO A 105 -1.75 13.35 -7.81
C PRO A 105 -1.20 14.76 -8.04
N LEU A 106 -0.70 15.00 -9.23
CA LEU A 106 -0.22 16.32 -9.62
C LEU A 106 -0.95 16.90 -10.85
N GLY A 107 -2.23 16.62 -10.99
CA GLY A 107 -3.06 17.48 -11.80
C GLY A 107 -3.51 18.64 -10.90
N PRO A 108 -4.40 19.49 -11.41
CA PRO A 108 -4.92 20.67 -10.73
C PRO A 108 -5.37 20.41 -9.33
N ASN A 109 -6.34 19.51 -9.15
CA ASN A 109 -6.87 19.29 -7.81
C ASN A 109 -5.83 18.62 -6.93
N GLY A 110 -5.02 17.78 -7.56
CA GLY A 110 -4.00 17.06 -6.82
C GLY A 110 -2.94 17.99 -6.26
N MET A 111 -2.39 18.86 -7.13
CA MET A 111 -1.35 19.75 -6.70
CA MET A 111 -1.36 19.82 -6.75
C MET A 111 -1.82 20.72 -5.60
N VAL A 112 -3.01 21.29 -5.71
CA VAL A 112 -3.56 22.14 -4.65
C VAL A 112 -3.66 21.32 -3.36
N GLY A 113 -4.13 20.07 -3.48
CA GLY A 113 -4.33 19.22 -2.31
C GLY A 113 -3.01 18.95 -1.63
N MET A 114 -1.97 18.75 -2.42
CA MET A 114 -0.66 18.45 -1.90
C MET A 114 -0.06 19.69 -1.22
N GLU A 115 -0.20 20.84 -1.85
CA GLU A 115 0.22 22.08 -1.21
C GLU A 115 -0.42 22.27 0.16
N ARG A 116 -1.74 22.15 0.24
CA ARG A 116 -2.43 22.30 1.48
C ARG A 116 -2.02 21.23 2.49
N THR A 117 -1.86 19.99 2.04
CA THR A 117 -1.39 18.91 2.91
C THR A 117 -0.04 19.26 3.51
N MET A 118 0.90 19.64 2.67
CA MET A 118 2.20 19.97 3.19
C MET A 118 2.14 21.20 4.08
N ASN A 119 1.31 22.19 3.73
CA ASN A 119 1.13 23.31 4.61
C ASN A 119 0.74 22.81 6.00
N LEU A 120 -0.24 21.89 6.06
CA LEU A 120 -0.74 21.41 7.37
C LEU A 120 0.34 20.66 8.14
N LEU A 121 1.02 19.76 7.45
CA LEU A 121 2.09 18.94 8.07
C LEU A 121 3.21 19.78 8.66
N ARG A 122 3.76 20.68 7.88
CA ARG A 122 4.74 21.64 8.37
C ARG A 122 4.27 22.54 9.51
N SER A 123 3.01 22.96 9.48
CA SER A 123 2.46 23.76 10.55
C SER A 123 2.56 23.05 11.89
N GLY A 124 2.68 21.73 11.87
CA GLY A 124 2.85 20.96 13.10
C GLY A 124 4.29 20.81 13.56
N GLY A 125 5.20 21.55 12.95
CA GLY A 125 6.59 21.54 13.32
C GLY A 125 7.40 20.41 12.77
N LEU A 126 6.86 19.65 11.81
CA LEU A 126 7.63 18.59 11.14
C LEU A 126 8.74 19.17 10.22
N HIS A 127 9.98 18.72 10.39
CA HIS A 127 11.09 19.14 9.53
C HIS A 127 10.85 18.63 8.13
N ASP A 128 11.56 19.20 7.16
CA ASP A 128 11.26 19.03 5.73
C ASP A 128 11.09 17.56 5.32
N GLU A 129 12.04 16.68 5.68
CA GLU A 129 11.98 15.28 5.24
C GLU A 129 10.82 14.54 5.86
N LEU A 130 10.54 14.83 7.12
CA LEU A 130 9.47 14.15 7.87
C LEU A 130 8.10 14.60 7.35
N ALA A 131 8.05 15.86 6.98
CA ALA A 131 6.81 16.44 6.43
C ALA A 131 6.49 15.81 5.06
N ALA A 132 7.47 15.87 4.19
CA ALA A 132 7.41 15.29 2.87
C ALA A 132 7.13 13.79 2.90
N TYR A 133 7.99 13.04 3.59
CA TYR A 133 7.77 11.58 3.71
C TYR A 133 6.44 11.25 4.40
N GLY A 134 6.07 12.04 5.41
CA GLY A 134 4.84 11.75 6.17
C GLY A 134 3.62 11.86 5.32
N GLY A 135 3.59 12.90 4.48
CA GLY A 135 2.54 13.06 3.53
C GLY A 135 2.39 11.83 2.64
N ASP A 136 3.49 11.31 2.16
CA ASP A 136 3.53 10.13 1.30
C ASP A 136 2.99 8.89 2.05
N LEU A 137 3.53 8.66 3.26
CA LEU A 137 3.20 7.50 4.06
C LEU A 137 1.70 7.58 4.42
N LEU A 138 1.20 8.77 4.68
CA LEU A 138 -0.24 8.89 5.02
C LEU A 138 -1.12 8.55 3.82
N SER A 139 -0.78 9.10 2.65
CA SER A 139 -1.55 8.84 1.45
C SER A 139 -1.45 7.39 1.02
N THR A 140 -0.26 6.80 1.14
CA THR A 140 -0.02 5.39 0.87
C THR A 140 -0.85 4.48 1.76
N PHE A 141 -0.98 4.83 3.03
CA PHE A 141 -1.68 4.01 3.97
C PHE A 141 -3.18 4.09 3.68
N VAL A 142 -3.69 5.31 3.49
CA VAL A 142 -5.11 5.50 3.19
C VAL A 142 -5.50 4.75 1.90
N THR A 143 -4.67 4.86 0.87
CA THR A 143 -4.93 4.24 -0.40
C THR A 143 -4.93 2.71 -0.31
N ALA A 144 -3.93 2.13 0.37
CA ALA A 144 -3.87 0.67 0.62
C ALA A 144 -5.09 0.16 1.36
N GLU A 145 -5.43 0.82 2.46
CA GLU A 145 -6.65 0.44 3.20
C GLU A 145 -7.88 0.43 2.29
N ALA A 146 -8.04 1.48 1.50
CA ALA A 146 -9.18 1.59 0.60
C ALA A 146 -9.21 0.45 -0.36
N LEU A 147 -8.04 0.13 -0.95
CA LEU A 147 -7.98 -0.87 -1.98
C LEU A 147 -8.52 -2.15 -1.40
N GLU A 148 -8.24 -2.35 -0.12
CA GLU A 148 -8.63 -3.56 0.55
C GLU A 148 -10.02 -3.55 1.20
N GLN A 149 -10.54 -2.37 1.59
CA GLN A 149 -11.94 -2.31 2.01
C GLN A 149 -12.83 -2.74 0.84
N SER A 150 -12.37 -2.39 -0.37
CA SER A 150 -13.00 -2.79 -1.62
C SER A 150 -12.70 -4.23 -2.04
N SER A 151 -11.49 -4.71 -1.75
CA SER A 151 -11.11 -6.11 -2.01
C SER A 151 -11.77 -7.11 -1.04
N ARG A 152 -12.78 -6.64 -0.30
CA ARG A 152 -13.59 -7.47 0.62
C ARG A 152 -15.08 -7.07 0.63
N ALA A 163 -16.98 -13.26 1.52
CA ALA A 163 -16.00 -12.50 2.31
C ALA A 163 -16.16 -12.74 3.81
N GLY A 164 -17.39 -12.60 4.31
CA GLY A 164 -17.74 -12.93 5.70
C GLY A 164 -17.49 -14.40 5.95
N VAL A 165 -17.54 -15.18 4.87
CA VAL A 165 -17.14 -16.58 4.85
C VAL A 165 -15.63 -16.75 5.07
N PHE A 166 -14.81 -16.18 4.18
CA PHE A 166 -13.35 -16.38 4.21
C PHE A 166 -12.69 -16.11 5.56
N ALA A 167 -13.12 -15.05 6.23
CA ALA A 167 -12.59 -14.70 7.55
C ALA A 167 -12.94 -15.73 8.62
N ASP A 168 -14.18 -16.23 8.63
CA ASP A 168 -14.61 -17.28 9.58
C ASP A 168 -13.92 -18.63 9.32
N GLN A 169 -13.43 -18.81 8.10
CA GLN A 169 -12.58 -19.92 7.72
C GLN A 169 -11.16 -19.74 8.31
N LEU A 170 -10.53 -18.60 8.01
CA LEU A 170 -9.21 -18.26 8.57
C LEU A 170 -9.24 -18.16 10.10
N HIS A 171 -10.29 -17.53 10.63
CA HIS A 171 -10.51 -17.45 12.08
C HIS A 171 -10.58 -18.85 12.67
N GLY A 172 -11.30 -19.72 11.98
CA GLY A 172 -11.53 -21.07 12.46
C GLY A 172 -10.32 -21.95 12.29
N TYR A 173 -9.53 -21.69 11.26
CA TYR A 173 -8.25 -22.35 11.18
C TYR A 173 -7.38 -21.93 12.36
N LEU A 174 -7.15 -20.62 12.53
CA LEU A 174 -6.29 -20.10 13.58
C LEU A 174 -6.81 -20.53 14.95
N LYS A 175 -8.10 -20.28 15.20
CA LYS A 175 -8.67 -20.60 16.50
C LYS A 175 -8.56 -22.08 16.90
N SER A 176 -8.61 -22.99 15.91
CA SER A 176 -8.51 -24.44 16.17
C SER A 176 -7.11 -25.03 15.91
N LEU A 177 -6.09 -24.18 15.85
CA LEU A 177 -4.67 -24.59 15.86
C LEU A 177 -4.30 -25.14 17.23
N PRO A 178 -3.31 -26.07 17.28
CA PRO A 178 -2.89 -26.55 18.60
C PRO A 178 -2.32 -25.40 19.44
N ALA A 179 -3.04 -25.06 20.53
CA ALA A 179 -2.69 -23.96 21.43
C ALA A 179 -1.30 -24.10 22.04
N THR A 180 -0.80 -25.33 22.09
CA THR A 180 0.54 -25.62 22.58
C THR A 180 1.55 -25.15 21.54
N SER A 181 1.17 -25.23 20.26
CA SER A 181 2.06 -24.88 19.17
C SER A 181 1.98 -23.39 18.75
N PHE A 182 0.77 -22.85 18.78
CA PHE A 182 0.53 -21.50 18.25
C PHE A 182 -0.26 -20.64 19.24
N PRO A 183 0.31 -20.43 20.43
CA PRO A 183 -0.44 -19.72 21.47
C PRO A 183 -0.90 -18.32 21.08
N ASN A 184 -0.01 -17.55 20.47
CA ASN A 184 -0.36 -16.21 20.02
C ASN A 184 -1.35 -16.20 18.87
N LEU A 185 -1.17 -17.10 17.91
CA LEU A 185 -2.13 -17.13 16.80
C LEU A 185 -3.52 -17.53 17.25
N VAL A 186 -3.61 -18.52 18.16
CA VAL A 186 -4.90 -18.92 18.74
C VAL A 186 -5.55 -17.75 19.51
N HIS A 187 -4.76 -17.09 20.37
CA HIS A 187 -5.25 -16.00 21.24
C HIS A 187 -5.64 -14.77 20.41
N LEU A 188 -4.87 -14.50 19.35
CA LEU A 188 -5.17 -13.37 18.43
C LEU A 188 -5.98 -13.67 17.14
N ALA A 189 -6.53 -14.89 17.05
CA ALA A 189 -7.35 -15.33 15.88
C ALA A 189 -8.40 -14.31 15.48
N GLY A 190 -9.11 -13.76 16.47
CA GLY A 190 -10.12 -12.71 16.25
C GLY A 190 -9.51 -11.46 15.61
N PRO A 191 -8.61 -10.75 16.33
CA PRO A 191 -8.03 -9.54 15.77
C PRO A 191 -7.34 -9.76 14.41
N ILE A 192 -6.61 -10.87 14.27
CA ILE A 192 -5.84 -11.09 13.07
C ILE A 192 -6.78 -11.28 11.90
N THR A 193 -7.97 -11.77 12.20
CA THR A 193 -8.94 -12.15 11.20
C THR A 193 -10.09 -11.15 11.11
N SER A 194 -10.49 -10.62 12.27
CA SER A 194 -11.68 -9.80 12.39
C SER A 194 -11.43 -8.47 11.76
N LEU A 195 -10.48 -7.73 12.31
CA LEU A 195 -10.55 -6.26 12.34
C LEU A 195 -11.46 -5.57 11.30
N ASP A 196 -12.52 -4.92 11.77
CA ASP A 196 -13.32 -4.18 10.83
C ASP A 196 -12.52 -3.05 10.27
N SER A 197 -12.86 -2.66 9.04
CA SER A 197 -12.20 -1.57 8.34
C SER A 197 -12.04 -0.29 9.13
N ASP A 198 -13.11 0.15 9.79
CA ASP A 198 -13.10 1.40 10.55
C ASP A 198 -12.03 1.31 11.65
N ARG A 199 -11.99 0.15 12.30
CA ARG A 199 -11.11 -0.04 13.40
C ARG A 199 -9.70 -0.03 12.90
N ARG A 200 -9.38 -0.80 11.84
CA ARG A 200 -8.01 -0.83 11.26
C ARG A 200 -7.64 0.56 10.82
N PHE A 201 -8.50 1.22 10.07
CA PHE A 201 -8.21 2.58 9.66
C PHE A 201 -7.86 3.53 10.83
N GLU A 202 -8.64 3.51 11.90
N GLU A 202 -8.63 3.47 11.91
CA GLU A 202 -8.36 4.46 12.97
CA GLU A 202 -8.42 4.41 13.00
C GLU A 202 -7.08 4.10 13.72
C GLU A 202 -7.17 4.09 13.83
N LEU A 203 -6.86 2.81 13.98
CA LEU A 203 -5.61 2.38 14.59
C LEU A 203 -4.41 2.81 13.76
N GLY A 204 -4.41 2.55 12.47
CA GLY A 204 -3.24 2.92 11.64
C GLY A 204 -3.05 4.43 11.59
N LEU A 205 -4.16 5.18 11.50
CA LEU A 205 -4.07 6.64 11.61
C LEU A 205 -3.39 7.09 12.93
N GLU A 206 -3.86 6.57 14.07
N GLU A 206 -3.83 6.59 14.09
CA GLU A 206 -3.32 6.89 15.39
CA GLU A 206 -3.26 7.05 15.35
C GLU A 206 -1.83 6.61 15.40
C GLU A 206 -1.80 6.59 15.50
N ILE A 207 -1.46 5.42 14.94
CA ILE A 207 -0.10 4.98 14.95
C ILE A 207 0.78 5.96 14.18
N ILE A 208 0.40 6.27 12.94
CA ILE A 208 1.26 7.12 12.05
C ILE A 208 1.38 8.54 12.60
N ILE A 209 0.26 9.09 13.07
CA ILE A 209 0.22 10.48 13.63
C ILE A 209 1.09 10.56 14.92
N ALA A 210 0.91 9.60 15.86
CA ALA A 210 1.79 9.57 17.02
C ALA A 210 3.28 9.49 16.61
N GLY A 211 3.58 8.71 15.59
CA GLY A 211 5.00 8.50 15.21
C GLY A 211 5.53 9.74 14.56
N LEU A 212 4.69 10.44 13.80
CA LEU A 212 5.06 11.75 13.23
C LEU A 212 5.34 12.81 14.31
N LEU A 213 4.43 12.94 15.29
CA LEU A 213 4.66 13.82 16.40
C LEU A 213 5.90 13.41 17.17
N ALA A 214 6.12 12.10 17.32
CA ALA A 214 7.29 11.64 18.06
C ALA A 214 8.56 12.09 17.36
N GLY A 215 8.57 11.98 16.05
CA GLY A 215 9.70 12.40 15.22
C GLY A 215 9.90 13.90 15.20
N ALA A 216 8.83 14.69 15.31
CA ALA A 216 8.93 16.14 15.31
C ALA A 216 9.45 16.61 16.67
N GLY A 217 9.01 15.90 17.73
CA GLY A 217 9.40 16.14 19.13
C GLY A 217 10.85 15.85 19.54
N GLU A 218 11.45 14.83 18.94
CA GLU A 218 12.89 14.61 19.08
C GLU A 218 13.68 15.67 18.31
N ALA A 219 13.36 15.82 17.02
CA ALA A 219 13.73 17.02 16.28
C ALA A 219 13.97 18.20 17.23
N ALA A 220 12.91 18.64 17.89
CA ALA A 220 12.89 19.94 18.54
C ALA A 220 13.55 19.86 19.92
N ALA B 4 14.22 -38.16 -10.55
CA ALA B 4 13.51 -37.36 -9.50
C ALA B 4 11.98 -37.36 -9.69
N PRO B 5 11.24 -37.69 -8.62
CA PRO B 5 9.80 -37.67 -8.79
C PRO B 5 9.39 -36.21 -8.74
N LEU B 6 8.42 -35.84 -9.55
CA LEU B 6 7.79 -34.55 -9.45
C LEU B 6 7.18 -34.40 -8.07
N THR B 7 7.48 -33.29 -7.41
CA THR B 7 6.88 -32.94 -6.10
C THR B 7 6.53 -31.45 -6.05
N GLN B 8 5.60 -31.04 -5.18
CA GLN B 8 5.32 -29.61 -4.97
C GLN B 8 6.63 -28.88 -4.66
N ASP B 9 7.45 -29.42 -3.77
CA ASP B 9 8.63 -28.67 -3.38
C ASP B 9 9.62 -28.53 -4.52
N ARG B 10 9.71 -29.56 -5.37
CA ARG B 10 10.61 -29.42 -6.54
C ARG B 10 10.08 -28.38 -7.54
N ILE B 11 8.77 -28.34 -7.71
CA ILE B 11 8.12 -27.40 -8.62
C ILE B 11 8.39 -25.95 -8.16
N VAL B 12 8.23 -25.73 -6.85
CA VAL B 12 8.38 -24.39 -6.25
C VAL B 12 9.85 -23.93 -6.31
N VAL B 13 10.80 -24.82 -5.98
CA VAL B 13 12.23 -24.49 -6.14
C VAL B 13 12.52 -24.07 -7.60
N THR B 14 12.05 -24.84 -8.59
CA THR B 14 12.29 -24.49 -9.98
C THR B 14 11.65 -23.16 -10.36
N ALA B 15 10.39 -22.96 -9.93
CA ALA B 15 9.67 -21.70 -10.12
C ALA B 15 10.39 -20.51 -9.53
N LEU B 16 10.86 -20.63 -8.29
CA LEU B 16 11.60 -19.55 -7.63
C LEU B 16 12.90 -19.28 -8.39
N GLY B 17 13.59 -20.32 -8.84
CA GLY B 17 14.78 -20.07 -9.67
C GLY B 17 14.59 -19.28 -10.96
N ILE B 18 13.50 -19.55 -11.69
CA ILE B 18 13.11 -18.75 -12.86
C ILE B 18 12.82 -17.29 -12.47
N LEU B 19 11.99 -17.10 -11.45
CA LEU B 19 11.69 -15.80 -10.90
C LEU B 19 12.94 -15.00 -10.54
N ASP B 20 13.88 -15.63 -9.85
CA ASP B 20 15.12 -14.98 -9.43
C ASP B 20 15.99 -14.52 -10.61
N ALA B 21 16.12 -15.38 -11.61
CA ALA B 21 17.01 -15.12 -12.72
C ALA B 21 16.33 -14.39 -13.88
N GLU B 22 15.00 -14.35 -13.92
CA GLU B 22 14.26 -13.80 -15.08
C GLU B 22 13.05 -12.92 -14.76
N GLY B 23 12.62 -12.89 -13.51
CA GLY B 23 11.53 -11.99 -13.13
C GLY B 23 10.17 -12.65 -13.20
N LEU B 24 9.15 -12.02 -12.60
CA LEU B 24 7.79 -12.60 -12.50
C LEU B 24 7.12 -12.85 -13.85
N ASP B 25 7.26 -11.92 -14.79
CA ASP B 25 6.59 -12.05 -16.09
C ASP B 25 7.03 -13.30 -16.82
N ALA B 26 8.28 -13.73 -16.59
CA ALA B 26 8.84 -14.94 -17.26
C ALA B 26 8.31 -16.24 -16.66
N LEU B 27 7.76 -16.15 -15.45
CA LEU B 27 7.22 -17.32 -14.75
C LEU B 27 5.78 -17.58 -15.19
N SER B 28 5.64 -18.20 -16.36
CA SER B 28 4.36 -18.77 -16.77
C SER B 28 4.30 -20.27 -16.43
N MET B 29 3.08 -20.82 -16.34
CA MET B 29 2.90 -22.26 -16.10
C MET B 29 3.42 -23.10 -17.24
N ARG B 30 3.32 -22.55 -18.45
CA ARG B 30 3.85 -23.21 -19.64
C ARG B 30 5.37 -23.32 -19.55
N ARG B 31 6.01 -22.21 -19.16
CA ARG B 31 7.47 -22.18 -18.94
C ARG B 31 7.88 -23.16 -17.85
N LEU B 32 7.21 -23.05 -16.72
CA LEU B 32 7.35 -24.00 -15.62
C LEU B 32 7.28 -25.46 -16.07
N ALA B 33 6.19 -25.89 -16.70
CA ALA B 33 6.02 -27.27 -17.14
C ALA B 33 7.15 -27.71 -18.05
N GLN B 34 7.55 -26.79 -18.92
CA GLN B 34 8.61 -27.04 -19.88
C GLN B 34 9.97 -27.23 -19.18
N GLU B 35 10.28 -26.39 -18.21
CA GLU B 35 11.52 -26.55 -17.45
C GLU B 35 11.54 -27.87 -16.69
N LEU B 36 10.39 -28.26 -16.14
CA LEU B 36 10.34 -29.48 -15.32
C LEU B 36 10.29 -30.75 -16.15
N LYS B 37 10.08 -30.59 -17.46
CA LYS B 37 9.86 -31.72 -18.36
C LYS B 37 8.64 -32.53 -17.95
N THR B 38 7.55 -31.85 -17.59
CA THR B 38 6.31 -32.52 -17.18
C THR B 38 5.14 -31.98 -18.00
N GLY B 39 3.97 -32.58 -17.85
CA GLY B 39 2.80 -32.16 -18.59
C GLY B 39 1.98 -31.20 -17.76
N HIS B 40 1.07 -30.48 -18.40
CA HIS B 40 0.26 -29.48 -17.73
C HIS B 40 -0.61 -30.04 -16.62
N ALA B 41 -1.07 -31.29 -16.81
CA ALA B 41 -1.98 -31.90 -15.86
C ALA B 41 -1.22 -32.20 -14.55
N SER B 42 -0.03 -32.76 -14.67
CA SER B 42 0.80 -33.00 -13.48
C SER B 42 1.10 -31.74 -12.72
N LEU B 43 1.53 -30.71 -13.46
CA LEU B 43 1.76 -29.40 -12.89
C LEU B 43 0.55 -28.94 -12.06
N TYR B 44 -0.60 -28.84 -12.71
CA TYR B 44 -1.79 -28.39 -12.00
C TYR B 44 -2.08 -29.22 -10.78
N ALA B 45 -1.94 -30.55 -10.89
CA ALA B 45 -2.31 -31.42 -9.75
C ALA B 45 -1.46 -31.07 -8.50
N HIS B 46 -0.19 -30.78 -8.71
CA HIS B 46 0.76 -30.49 -7.63
C HIS B 46 0.70 -29.06 -7.05
N VAL B 47 0.57 -28.04 -7.92
CA VAL B 47 0.54 -26.66 -7.47
C VAL B 47 -0.71 -25.85 -7.82
N GLY B 48 -1.56 -26.37 -8.67
CA GLY B 48 -2.76 -25.60 -9.03
C GLY B 48 -2.47 -24.59 -10.13
N ASN B 49 -3.24 -23.48 -10.16
CA ASN B 49 -3.01 -22.44 -11.17
C ASN B 49 -1.84 -21.53 -10.84
N ARG B 50 -1.59 -20.53 -11.67
CA ARG B 50 -0.46 -19.65 -11.44
C ARG B 50 -0.50 -18.87 -10.09
N ASP B 51 -1.65 -18.34 -9.70
CA ASP B 51 -1.75 -17.60 -8.47
C ASP B 51 -1.52 -18.50 -7.28
N GLU B 52 -2.00 -19.75 -7.36
CA GLU B 52 -1.76 -20.74 -6.34
C GLU B 52 -0.30 -21.09 -6.20
N LEU B 53 0.37 -21.26 -7.31
CA LEU B 53 1.79 -21.53 -7.28
C LEU B 53 2.56 -20.35 -6.67
N LEU B 54 2.15 -19.13 -6.96
CA LEU B 54 2.87 -17.96 -6.44
C LEU B 54 2.69 -17.85 -4.95
N ASP B 55 1.53 -18.28 -4.44
CA ASP B 55 1.33 -18.39 -2.97
C ASP B 55 2.38 -19.32 -2.36
N LEU B 56 2.64 -20.44 -3.03
CA LEU B 56 3.69 -21.37 -2.54
C LEU B 56 5.09 -20.79 -2.62
N VAL B 57 5.37 -20.11 -3.71
CA VAL B 57 6.71 -19.54 -3.91
C VAL B 57 6.90 -18.43 -2.84
N PHE B 58 5.89 -17.62 -2.57
CA PHE B 58 5.97 -16.66 -1.49
C PHE B 58 6.28 -17.35 -0.16
N ASP B 59 5.61 -18.47 0.14
CA ASP B 59 5.79 -19.05 1.46
C ASP B 59 7.15 -19.64 1.58
N ILE B 60 7.70 -20.12 0.46
CA ILE B 60 8.97 -20.82 0.58
C ILE B 60 10.09 -19.88 0.93
N VAL B 61 10.02 -18.63 0.48
CA VAL B 61 11.10 -17.66 0.76
C VAL B 61 10.97 -17.05 2.16
N LEU B 62 9.79 -17.17 2.80
CA LEU B 62 9.63 -16.63 4.15
C LEU B 62 10.59 -17.23 5.19
N THR B 63 11.23 -18.37 4.90
CA THR B 63 12.18 -18.90 5.86
C THR B 63 13.36 -17.98 6.05
N GLU B 64 13.52 -17.09 5.08
CA GLU B 64 14.60 -16.09 5.13
C GLU B 64 14.44 -15.00 6.15
N VAL B 65 13.21 -14.79 6.62
CA VAL B 65 12.90 -13.78 7.63
C VAL B 65 13.09 -14.33 9.04
N GLU B 66 13.99 -13.71 9.77
CA GLU B 66 14.28 -14.04 11.16
C GLU B 66 13.61 -13.10 12.14
N VAL B 67 12.80 -13.65 13.04
CA VAL B 67 12.16 -12.90 14.10
C VAL B 67 12.91 -13.24 15.38
N PRO B 68 13.57 -12.25 16.01
CA PRO B 68 14.33 -12.57 17.20
C PRO B 68 13.46 -12.95 18.37
N GLU B 69 14.05 -13.72 19.30
CA GLU B 69 13.47 -14.02 20.61
C GLU B 69 13.46 -12.73 21.38
N PRO B 70 12.32 -12.38 21.98
CA PRO B 70 12.26 -11.10 22.72
C PRO B 70 13.29 -10.98 23.88
N GLU B 71 13.96 -9.81 23.96
CA GLU B 71 14.87 -9.48 25.04
C GLU B 71 14.43 -8.22 25.76
N PRO B 72 14.58 -8.19 27.12
CA PRO B 72 14.22 -7.01 27.89
C PRO B 72 14.90 -5.73 27.37
N GLY B 73 14.12 -4.66 27.25
CA GLY B 73 14.69 -3.34 26.96
C GLY B 73 15.19 -3.18 25.53
N ARG B 74 14.89 -4.17 24.68
CA ARG B 74 15.30 -4.04 23.30
C ARG B 74 14.14 -4.09 22.29
N TRP B 75 12.92 -3.83 22.73
CA TRP B 75 11.78 -4.13 21.85
C TRP B 75 11.82 -3.43 20.48
N ALA B 76 12.10 -2.13 20.47
CA ALA B 76 12.05 -1.38 19.23
C ALA B 76 13.13 -1.86 18.29
N GLU B 77 14.34 -2.04 18.81
CA GLU B 77 15.44 -2.53 17.96
CA GLU B 77 15.47 -2.53 18.03
CA GLU B 77 15.46 -2.52 18.00
C GLU B 77 15.17 -3.90 17.40
N GLN B 78 14.54 -4.78 18.19
CA GLN B 78 14.24 -6.10 17.69
C GLN B 78 13.13 -6.10 16.64
N VAL B 79 12.11 -5.27 16.82
CA VAL B 79 11.11 -5.16 15.79
C VAL B 79 11.73 -4.60 14.51
N LYS B 80 12.60 -3.60 14.63
CA LYS B 80 13.34 -3.14 13.45
C LYS B 80 14.16 -4.22 12.77
N GLU B 81 14.87 -5.02 13.54
CA GLU B 81 15.67 -6.12 12.99
C GLU B 81 14.83 -7.07 12.14
N MET B 82 13.63 -7.40 12.63
CA MET B 82 12.65 -8.25 11.94
C MET B 82 12.18 -7.62 10.63
N CYS B 83 11.73 -6.36 10.66
CA CYS B 83 11.40 -5.63 9.44
C CYS B 83 12.59 -5.55 8.48
N ARG B 84 13.75 -5.30 8.97
CA ARG B 84 14.93 -5.28 8.03
C ARG B 84 15.18 -6.64 7.42
N SER B 85 14.94 -7.70 8.20
CA SER B 85 15.15 -9.06 7.63
C SER B 85 14.15 -9.31 6.48
N LEU B 86 12.92 -8.81 6.65
CA LEU B 86 11.90 -8.95 5.63
C LEU B 86 12.31 -8.14 4.38
N ARG B 87 12.73 -6.89 4.58
CA ARG B 87 13.28 -6.09 3.47
C ARG B 87 14.34 -6.82 2.72
N ARG B 88 15.30 -7.38 3.44
CA ARG B 88 16.42 -8.05 2.75
C ARG B 88 15.94 -9.20 1.91
N MET B 89 14.86 -9.82 2.34
CA MET B 89 14.33 -10.97 1.62
CA MET B 89 14.35 -10.97 1.63
C MET B 89 13.83 -10.53 0.25
N PHE B 90 13.02 -9.49 0.23
CA PHE B 90 12.52 -8.88 -0.99
C PHE B 90 13.63 -8.39 -1.88
N LEU B 91 14.65 -7.76 -1.33
CA LEU B 91 15.70 -7.21 -2.15
C LEU B 91 16.53 -8.31 -2.79
N ALA B 92 16.50 -9.52 -2.23
CA ALA B 92 17.31 -10.65 -2.76
C ALA B 92 16.58 -11.48 -3.83
N HIS B 93 15.28 -11.21 -4.01
CA HIS B 93 14.42 -11.96 -4.95
C HIS B 93 13.66 -10.99 -5.83
N ARG B 94 14.13 -10.79 -7.07
CA ARG B 94 13.48 -9.81 -7.92
C ARG B 94 11.99 -10.06 -8.09
N ASP B 95 11.21 -8.98 -8.06
CA ASP B 95 9.77 -9.07 -8.28
C ASP B 95 9.00 -9.76 -7.16
N LEU B 96 9.70 -10.22 -6.12
CA LEU B 96 8.98 -10.92 -5.08
C LEU B 96 7.98 -10.01 -4.37
N ALA B 97 8.30 -8.72 -4.21
CA ALA B 97 7.34 -7.79 -3.58
C ALA B 97 6.07 -7.64 -4.40
N ARG B 98 6.17 -7.84 -5.72
CA ARG B 98 4.98 -7.83 -6.61
C ARG B 98 4.03 -8.97 -6.22
N ILE B 99 4.61 -10.14 -5.94
CA ILE B 99 3.80 -11.29 -5.54
C ILE B 99 3.15 -11.01 -4.20
N ALA B 100 3.94 -10.44 -3.28
CA ALA B 100 3.56 -10.29 -1.86
C ALA B 100 2.57 -9.21 -1.64
N ILE B 101 2.70 -8.12 -2.40
CA ILE B 101 1.98 -6.87 -2.13
C ILE B 101 0.49 -7.13 -2.05
N ASP B 102 0.14 -8.37 -2.34
CA ASP B 102 -1.14 -8.83 -2.77
C ASP B 102 -1.74 -9.82 -1.77
N ARG B 103 -0.85 -10.56 -1.09
CA ARG B 103 -1.16 -11.81 -0.43
C ARG B 103 -1.09 -11.79 1.09
N VAL B 104 -1.69 -12.81 1.70
CA VAL B 104 -1.58 -13.08 3.12
C VAL B 104 -0.63 -14.24 3.37
N PRO B 105 0.42 -13.96 4.13
CA PRO B 105 1.42 -14.94 4.56
C PRO B 105 0.89 -16.02 5.53
N LEU B 106 -0.02 -16.86 5.07
CA LEU B 106 -0.64 -17.93 5.83
CA LEU B 106 -0.44 -17.95 5.96
C LEU B 106 -0.26 -19.37 5.42
N GLY B 107 0.80 -19.55 4.64
CA GLY B 107 1.31 -20.91 4.37
C GLY B 107 2.12 -21.34 5.62
N PRO B 108 2.72 -22.51 5.59
CA PRO B 108 3.41 -23.08 6.77
C PRO B 108 4.48 -22.15 7.37
N ASN B 109 5.41 -21.66 6.52
CA ASN B 109 6.45 -20.74 6.99
C ASN B 109 5.86 -19.42 7.43
N GLY B 110 4.85 -18.96 6.72
CA GLY B 110 4.16 -17.73 7.18
C GLY B 110 3.52 -17.87 8.56
N MET B 111 2.88 -18.99 8.81
CA MET B 111 2.28 -19.23 10.11
CA MET B 111 2.27 -19.25 10.11
C MET B 111 3.30 -19.21 11.23
N VAL B 112 4.39 -19.92 11.05
CA VAL B 112 5.42 -20.01 12.06
C VAL B 112 5.96 -18.60 12.25
N GLY B 113 6.16 -17.85 11.18
CA GLY B 113 6.75 -16.50 11.28
C GLY B 113 5.77 -15.53 11.96
N MET B 114 4.50 -15.65 11.63
CA MET B 114 3.49 -14.82 12.31
C MET B 114 3.40 -15.10 13.82
N GLU B 115 3.48 -16.37 14.21
CA GLU B 115 3.46 -16.74 15.63
C GLU B 115 4.60 -16.04 16.36
N ARG B 116 5.81 -16.09 15.79
CA ARG B 116 6.97 -15.46 16.39
C ARG B 116 6.90 -13.94 16.39
N THR B 117 6.34 -13.41 15.31
CA THR B 117 6.13 -11.96 15.16
C THR B 117 5.17 -11.49 16.22
N MET B 118 4.09 -12.22 16.40
CA MET B 118 3.09 -11.80 17.41
C MET B 118 3.62 -11.96 18.86
N ASN B 119 4.42 -12.98 19.10
CA ASN B 119 5.09 -13.15 20.36
C ASN B 119 5.88 -11.87 20.64
N LEU B 120 6.72 -11.48 19.69
CA LEU B 120 7.59 -10.30 19.87
C LEU B 120 6.78 -9.00 20.09
N LEU B 121 5.78 -8.78 19.24
CA LEU B 121 4.92 -7.59 19.36
C LEU B 121 4.15 -7.51 20.65
N ARG B 122 3.54 -8.60 21.07
CA ARG B 122 2.82 -8.59 22.35
C ARG B 122 3.78 -8.35 23.54
N SER B 123 5.03 -8.82 23.40
CA SER B 123 6.03 -8.71 24.47
C SER B 123 6.41 -7.27 24.74
N GLY B 124 6.06 -6.37 23.84
CA GLY B 124 6.35 -4.95 24.02
C GLY B 124 5.21 -4.27 24.74
N GLY B 125 4.21 -5.06 25.13
CA GLY B 125 3.10 -4.56 25.91
C GLY B 125 1.96 -4.03 25.07
N LEU B 126 1.90 -4.48 23.83
CA LEU B 126 0.83 -4.07 22.92
C LEU B 126 -0.45 -4.87 23.17
N HIS B 127 -1.58 -4.19 23.34
CA HIS B 127 -2.88 -4.85 23.50
C HIS B 127 -3.21 -5.64 22.24
N ASP B 128 -4.07 -6.64 22.39
CA ASP B 128 -4.37 -7.58 21.32
C ASP B 128 -4.62 -6.94 19.93
N GLU B 129 -5.54 -5.96 19.82
CA GLU B 129 -5.78 -5.32 18.52
C GLU B 129 -4.53 -4.59 18.01
N LEU B 130 -3.78 -3.97 18.91
CA LEU B 130 -2.61 -3.22 18.51
C LEU B 130 -1.49 -4.13 18.00
N ALA B 131 -1.34 -5.28 18.64
CA ALA B 131 -0.28 -6.22 18.26
C ALA B 131 -0.67 -6.82 16.94
N ALA B 132 -1.94 -7.24 16.80
CA ALA B 132 -2.43 -7.84 15.56
C ALA B 132 -2.37 -6.86 14.39
N TYR B 133 -2.94 -5.64 14.55
CA TYR B 133 -2.88 -4.67 13.49
C TYR B 133 -1.49 -4.15 13.20
N GLY B 134 -0.66 -3.97 14.23
CA GLY B 134 0.70 -3.46 14.02
C GLY B 134 1.58 -4.44 13.25
N GLY B 135 1.40 -5.74 13.46
CA GLY B 135 2.15 -6.67 12.62
C GLY B 135 1.75 -6.54 11.15
N ASP B 136 0.46 -6.37 10.91
CA ASP B 136 -0.10 -6.18 9.58
C ASP B 136 0.41 -4.89 8.95
N LEU B 137 0.32 -3.76 9.67
CA LEU B 137 0.83 -2.49 9.15
C LEU B 137 2.30 -2.60 8.86
N LEU B 138 3.08 -3.21 9.72
CA LEU B 138 4.56 -3.22 9.44
C LEU B 138 4.91 -4.03 8.23
N SER B 139 4.26 -5.17 8.12
CA SER B 139 4.43 -6.06 6.94
C SER B 139 4.00 -5.28 5.65
N THR B 140 2.85 -4.62 5.71
CA THR B 140 2.41 -3.81 4.56
C THR B 140 3.43 -2.73 4.20
N PHE B 141 3.90 -2.02 5.23
CA PHE B 141 4.90 -0.96 5.01
C PHE B 141 6.13 -1.52 4.35
N VAL B 142 6.69 -2.57 4.93
CA VAL B 142 7.93 -3.13 4.34
C VAL B 142 7.76 -3.59 2.87
N THR B 143 6.67 -4.28 2.61
CA THR B 143 6.36 -4.77 1.27
C THR B 143 6.20 -3.60 0.25
N ALA B 144 5.41 -2.60 0.60
CA ALA B 144 5.26 -1.37 -0.20
C ALA B 144 6.58 -0.64 -0.49
N GLU B 145 7.42 -0.47 0.51
CA GLU B 145 8.73 0.12 0.28
C GLU B 145 9.60 -0.73 -0.65
N ALA B 146 9.60 -2.04 -0.48
CA ALA B 146 10.47 -2.93 -1.30
C ALA B 146 10.03 -2.90 -2.75
N LEU B 147 8.72 -2.85 -2.92
CA LEU B 147 8.12 -2.74 -4.23
C LEU B 147 8.55 -1.43 -4.90
N GLU B 148 8.43 -0.32 -4.19
CA GLU B 148 8.93 0.97 -4.67
C GLU B 148 10.43 0.96 -5.00
N GLN B 149 11.25 0.39 -4.15
CA GLN B 149 12.68 0.27 -4.51
C GLN B 149 12.92 -0.53 -5.79
N SER B 150 12.22 -1.66 -5.90
CA SER B 150 12.33 -2.50 -7.07
C SER B 150 11.87 -1.72 -8.30
N SER B 151 10.94 -0.79 -8.10
CA SER B 151 10.41 0.02 -9.21
C SER B 151 11.43 1.03 -9.73
N ARG B 152 12.40 1.43 -8.88
CA ARG B 152 13.55 2.21 -9.36
C ARG B 152 14.64 1.31 -9.97
N ASN B 153 14.41 0.00 -9.99
CA ASN B 153 15.35 -0.97 -10.57
C ASN B 153 14.71 -1.96 -11.53
N GLY B 164 14.53 6.55 -12.24
CA GLY B 164 15.43 7.14 -13.26
C GLY B 164 15.31 8.65 -13.32
N VAL B 165 14.78 9.13 -14.44
CA VAL B 165 14.67 10.58 -14.67
C VAL B 165 13.26 11.09 -14.44
N PHE B 166 12.25 10.21 -14.53
CA PHE B 166 10.87 10.62 -14.20
C PHE B 166 10.91 11.43 -12.91
N ALA B 167 11.49 10.85 -11.86
CA ALA B 167 11.61 11.48 -10.56
C ALA B 167 12.37 12.80 -10.66
N ASP B 168 13.27 12.87 -11.64
CA ASP B 168 14.04 14.09 -11.87
C ASP B 168 13.20 15.18 -12.57
N GLN B 169 12.30 14.77 -13.47
CA GLN B 169 11.42 15.72 -14.19
C GLN B 169 10.32 16.23 -13.24
N LEU B 170 9.94 15.36 -12.32
CA LEU B 170 9.05 15.68 -11.25
C LEU B 170 9.63 16.79 -10.35
N HIS B 171 10.92 16.68 -10.03
CA HIS B 171 11.68 17.70 -9.32
C HIS B 171 11.64 19.06 -10.01
N GLY B 172 12.10 19.14 -11.26
CA GLY B 172 12.11 20.42 -11.98
C GLY B 172 10.74 21.08 -12.05
N TYR B 173 9.72 20.27 -12.30
CA TYR B 173 8.35 20.74 -12.35
C TYR B 173 7.96 21.47 -11.05
N LEU B 174 8.15 20.78 -9.92
CA LEU B 174 7.77 21.30 -8.60
C LEU B 174 8.60 22.54 -8.24
N LYS B 175 9.91 22.50 -8.53
CA LYS B 175 10.78 23.60 -8.20
C LYS B 175 10.41 24.89 -8.93
N SER B 176 9.81 24.76 -10.11
CA SER B 176 9.53 25.94 -10.92
C SER B 176 8.08 26.43 -10.83
N LEU B 177 7.33 25.90 -9.86
CA LEU B 177 6.00 26.37 -9.57
C LEU B 177 6.07 27.79 -9.02
N PRO B 178 5.03 28.62 -9.27
CA PRO B 178 5.05 29.97 -8.68
C PRO B 178 5.10 29.90 -7.13
N ALA B 179 6.24 30.27 -6.57
CA ALA B 179 6.55 30.12 -5.14
C ALA B 179 5.55 30.83 -4.22
N THR B 180 4.88 31.85 -4.74
CA THR B 180 3.87 32.58 -4.00
C THR B 180 2.57 31.77 -3.90
N SER B 181 2.30 30.96 -4.92
CA SER B 181 1.11 30.13 -4.87
C SER B 181 1.37 28.73 -4.30
N PHE B 182 2.57 28.20 -4.52
CA PHE B 182 2.90 26.86 -4.02
C PHE B 182 4.21 26.87 -3.21
N PRO B 183 4.26 27.65 -2.10
CA PRO B 183 5.57 27.79 -1.39
C PRO B 183 6.03 26.45 -0.79
N ASN B 184 5.10 25.64 -0.30
CA ASN B 184 5.49 24.36 0.30
C ASN B 184 5.97 23.37 -0.74
N LEU B 185 5.27 23.26 -1.89
CA LEU B 185 5.74 22.33 -2.94
C LEU B 185 7.07 22.76 -3.52
N VAL B 186 7.28 24.07 -3.66
CA VAL B 186 8.60 24.51 -4.14
C VAL B 186 9.68 24.16 -3.12
N HIS B 187 9.46 24.56 -1.89
CA HIS B 187 10.43 24.31 -0.83
C HIS B 187 10.78 22.82 -0.63
N LEU B 188 9.75 21.96 -0.64
CA LEU B 188 9.92 20.52 -0.43
C LEU B 188 10.17 19.74 -1.73
N ALA B 189 10.49 20.45 -2.81
CA ALA B 189 10.55 19.84 -4.15
C ALA B 189 11.43 18.57 -4.15
N GLY B 190 12.62 18.71 -3.56
CA GLY B 190 13.61 17.61 -3.43
C GLY B 190 13.10 16.41 -2.64
N PRO B 191 12.82 16.56 -1.32
CA PRO B 191 12.26 15.47 -0.53
C PRO B 191 11.04 14.76 -1.15
N ILE B 192 10.11 15.51 -1.73
CA ILE B 192 8.89 14.93 -2.30
C ILE B 192 9.23 13.96 -3.44
N THR B 193 10.12 14.40 -4.31
CA THR B 193 10.47 13.61 -5.51
C THR B 193 11.47 12.51 -5.22
N SER B 194 12.42 12.80 -4.35
CA SER B 194 13.74 12.18 -4.40
C SER B 194 14.09 11.06 -3.45
N LEU B 195 13.55 11.07 -2.22
CA LEU B 195 14.21 10.37 -1.07
C LEU B 195 14.88 9.03 -1.34
N ASP B 196 16.13 8.92 -0.91
CA ASP B 196 16.85 7.66 -0.92
C ASP B 196 16.02 6.52 -0.25
N SER B 197 16.02 5.34 -0.88
CA SER B 197 15.29 4.14 -0.43
C SER B 197 15.59 3.74 1.01
N ASP B 198 16.85 3.76 1.35
CA ASP B 198 17.31 3.51 2.71
C ASP B 198 16.76 4.52 3.74
N ARG B 199 16.80 5.78 3.39
CA ARG B 199 16.37 6.80 4.30
C ARG B 199 14.86 6.77 4.44
N ARG B 200 14.14 6.57 3.35
CA ARG B 200 12.71 6.47 3.54
C ARG B 200 12.27 5.25 4.31
N PHE B 201 12.94 4.12 4.11
CA PHE B 201 12.64 2.91 4.87
C PHE B 201 12.83 3.18 6.37
N GLU B 202 13.99 3.72 6.75
CA GLU B 202 14.26 3.95 8.16
C GLU B 202 13.34 4.98 8.77
N LEU B 203 12.99 6.03 8.01
CA LEU B 203 12.08 7.00 8.50
C LEU B 203 10.73 6.38 8.81
N GLY B 204 10.18 5.67 7.82
CA GLY B 204 8.86 5.05 7.95
C GLY B 204 8.88 4.02 9.06
N LEU B 205 9.96 3.23 9.17
CA LEU B 205 10.09 2.22 10.21
C LEU B 205 9.99 2.84 11.63
N GLU B 206 10.77 3.90 11.86
CA GLU B 206 10.71 4.70 13.10
C GLU B 206 9.34 5.30 13.40
N ILE B 207 8.72 5.91 12.40
CA ILE B 207 7.42 6.46 12.58
C ILE B 207 6.48 5.40 13.10
N ILE B 208 6.42 4.23 12.45
CA ILE B 208 5.45 3.18 12.86
C ILE B 208 5.77 2.61 14.24
N ILE B 209 7.03 2.30 14.46
CA ILE B 209 7.47 1.87 15.79
C ILE B 209 7.20 2.86 16.94
N ALA B 210 7.55 4.14 16.77
CA ALA B 210 7.22 5.19 17.73
C ALA B 210 5.69 5.27 17.98
N GLY B 211 4.90 5.11 16.95
CA GLY B 211 3.44 5.21 17.11
C GLY B 211 2.86 3.96 17.77
N LEU B 212 3.43 2.79 17.51
CA LEU B 212 3.04 1.59 18.27
C LEU B 212 3.39 1.73 19.75
N LEU B 213 4.59 2.26 20.03
CA LEU B 213 4.98 2.46 21.42
C LEU B 213 4.04 3.44 22.10
N ALA B 214 3.72 4.53 21.40
CA ALA B 214 2.76 5.48 21.91
C ALA B 214 1.43 4.83 22.25
N GLY B 215 0.94 3.95 21.38
CA GLY B 215 -0.33 3.25 21.57
C GLY B 215 -0.28 2.27 22.73
N ALA B 216 0.89 1.68 22.94
CA ALA B 216 1.13 0.77 24.07
C ALA B 216 0.98 1.51 25.41
N GLY B 217 1.45 2.76 25.45
CA GLY B 217 1.34 3.62 26.63
C GLY B 217 2.26 3.17 27.76
N GLU B 218 1.64 2.93 28.92
CA GLU B 218 2.33 2.54 30.15
C GLU B 218 2.20 1.03 30.39
#